data_3F75
#
_entry.id   3F75
#
_cell.length_a   65.621
_cell.length_b   65.621
_cell.length_c   149.772
_cell.angle_alpha   90.00
_cell.angle_beta   90.00
_cell.angle_gamma   90.00
#
_symmetry.space_group_name_H-M   'P 43 21 2'
#
loop_
_entity.id
_entity.type
_entity.pdbx_description
1 polymer 'Cathepsin L Protease'
2 polymer 'Cathepsin L Propeptide'
3 non-polymer 'CHLORIDE ION'
4 non-polymer 'BROMIDE ION'
5 non-polymer 1,2-ETHANEDIOL
6 water water
#
loop_
_entity_poly.entity_id
_entity_poly.type
_entity_poly.pdbx_seq_one_letter_code
_entity_poly.pdbx_strand_id
1 'polypeptide(L)'
;NVLPSELPAGVDWRSRGCVTPVKDQRDCGSCWAFSTTGALEGAHCAKTGKLVSLSEQELMDCSRAEGNQSCSGGEMNDAF
QYVLDSGGICSEDAYPYLARDEECRAQSCEKVVKILGFKDVPRRSEAAMKAALAKSPVSIAIEADQMPFQFYHEGVFDAS
CGTDLDHGVLLVGYGTDKESKKDFWIMKNSWGTGWGRDGYMYMAMHKGEEGQCGLLLDASFPVM
;
A
2 'polypeptide(L)'
;MRGSHHHHHHGSIWEWKEAHFQDAFSSFQAMYAKSYATEEEKQRRYAIFKNNLVYIHTHNQQGYSYSLKMNHFGDLSRDE
FRRKYLGFKKSRNLKSHHLGVATELL
;
P
#
loop_
_chem_comp.id
_chem_comp.type
_chem_comp.name
_chem_comp.formula
BR non-polymer 'BROMIDE ION' 'Br -1'
CL non-polymer 'CHLORIDE ION' 'Cl -1'
EDO non-polymer 1,2-ETHANEDIOL 'C2 H6 O2'
#
# COMPACT_ATOMS: atom_id res chain seq x y z
N VAL A 2 14.43 24.04 -3.30
CA VAL A 2 15.30 23.34 -2.32
C VAL A 2 15.07 23.90 -0.90
N LEU A 3 14.89 25.22 -0.77
CA LEU A 3 14.58 25.81 0.54
C LEU A 3 13.18 25.37 0.97
N PRO A 4 13.00 25.08 2.28
CA PRO A 4 11.72 24.50 2.73
C PRO A 4 10.55 25.46 2.57
N SER A 5 10.83 26.76 2.69
CA SER A 5 9.84 27.80 2.42
C SER A 5 9.32 27.72 0.99
N GLU A 6 10.17 27.25 0.08
CA GLU A 6 9.81 27.12 -1.33
C GLU A 6 8.92 25.90 -1.60
N LEU A 7 8.84 24.98 -0.64
CA LEU A 7 7.93 23.85 -0.74
C LEU A 7 6.55 24.25 -0.23
N PRO A 8 5.48 23.74 -0.85
CA PRO A 8 4.16 24.04 -0.31
C PRO A 8 3.93 23.49 1.11
N ALA A 9 3.06 24.16 1.86
CA ALA A 9 2.62 23.70 3.18
C ALA A 9 2.01 22.29 3.11
N GLY A 10 1.20 22.05 2.10
CA GLY A 10 0.64 20.72 1.85
C GLY A 10 0.76 20.30 0.40
N VAL A 11 0.70 18.99 0.19
CA VAL A 11 0.57 18.43 -1.14
C VAL A 11 -0.41 17.29 -1.05
N ASP A 12 -1.35 17.27 -1.99
CA ASP A 12 -2.24 16.11 -2.11
C ASP A 12 -2.58 15.91 -3.58
N TRP A 13 -1.93 14.92 -4.20
CA TRP A 13 -2.15 14.61 -5.62
C TRP A 13 -3.58 14.11 -5.90
N ARG A 14 -4.25 13.60 -4.87
CA ARG A 14 -5.63 13.19 -5.03
C ARG A 14 -6.50 14.34 -5.46
N SER A 15 -6.36 15.50 -4.81
CA SER A 15 -7.24 16.63 -5.11
C SER A 15 -6.75 17.39 -6.35
N ARG A 16 -5.56 17.05 -6.83
CA ARG A 16 -5.10 17.55 -8.14
C ARG A 16 -5.66 16.68 -9.29
N GLY A 17 -6.18 15.50 -8.96
CA GLY A 17 -6.79 14.59 -9.93
C GLY A 17 -5.84 13.56 -10.51
N CYS A 18 -4.71 13.32 -9.83
CA CYS A 18 -3.67 12.46 -10.35
C CYS A 18 -3.56 11.13 -9.64
N VAL A 19 -4.62 10.71 -8.95
CA VAL A 19 -4.60 9.42 -8.24
C VAL A 19 -5.83 8.59 -8.59
N THR A 20 -5.60 7.37 -9.07
CA THR A 20 -6.70 6.47 -9.41
C THR A 20 -7.38 5.99 -8.13
N PRO A 21 -8.62 5.46 -8.25
CA PRO A 21 -9.29 4.97 -7.06
C PRO A 21 -8.46 3.89 -6.39
N VAL A 22 -8.68 3.69 -5.11
CA VAL A 22 -7.92 2.69 -4.38
C VAL A 22 -8.17 1.28 -4.94
N LYS A 23 -7.10 0.52 -5.12
CA LYS A 23 -7.16 -0.84 -5.66
C LYS A 23 -6.92 -1.88 -4.55
N ASP A 24 -7.15 -3.16 -4.89
CA ASP A 24 -7.02 -4.24 -3.91
C ASP A 24 -6.25 -5.41 -4.50
N GLN A 25 -5.05 -5.63 -3.96
CA GLN A 25 -4.18 -6.72 -4.41
C GLN A 25 -4.75 -8.09 -4.04
N ARG A 26 -5.58 -8.15 -3.01
CA ARG A 26 -6.15 -9.42 -2.52
C ARG A 26 -5.02 -10.37 -2.08
N ASP A 27 -5.25 -11.67 -2.11
N ASP A 27 -5.26 -11.66 -2.25
CA ASP A 27 -4.31 -12.62 -1.52
CA ASP A 27 -4.43 -12.71 -1.71
C ASP A 27 -3.20 -12.98 -2.51
C ASP A 27 -3.25 -12.99 -2.63
N CYS A 28 -2.37 -12.00 -2.80
CA CYS A 28 -1.27 -12.12 -3.75
C CYS A 28 -0.23 -11.10 -3.35
N GLY A 29 1.04 -11.51 -3.30
CA GLY A 29 2.12 -10.62 -2.83
C GLY A 29 2.55 -9.62 -3.89
N SER A 30 1.59 -8.84 -4.39
CA SER A 30 1.79 -8.00 -5.59
C SER A 30 1.90 -6.52 -5.25
N CYS A 31 2.12 -6.19 -3.97
CA CYS A 31 2.09 -4.78 -3.54
C CYS A 31 3.05 -3.93 -4.38
N TRP A 32 4.21 -4.49 -4.68
CA TRP A 32 5.25 -3.79 -5.45
C TRP A 32 4.73 -3.28 -6.82
N ALA A 33 3.85 -4.07 -7.44
CA ALA A 33 3.26 -3.70 -8.73
C ALA A 33 2.28 -2.55 -8.59
N PHE A 34 1.50 -2.56 -7.50
CA PHE A 34 0.56 -1.46 -7.23
C PHE A 34 1.27 -0.16 -6.88
N SER A 35 2.35 -0.26 -6.11
CA SER A 35 3.15 0.92 -5.79
C SER A 35 3.70 1.53 -7.10
N THR A 36 4.18 0.65 -8.00
CA THR A 36 4.73 1.08 -9.29
C THR A 36 3.67 1.73 -10.18
N THR A 37 2.54 1.06 -10.39
CA THR A 37 1.51 1.64 -11.24
C THR A 37 1.01 2.97 -10.65
N GLY A 38 0.88 3.06 -9.33
CA GLY A 38 0.43 4.31 -8.72
C GLY A 38 1.42 5.44 -8.98
N ALA A 39 2.71 5.15 -8.92
CA ALA A 39 3.72 6.16 -9.19
C ALA A 39 3.68 6.59 -10.65
N LEU A 40 3.46 5.62 -11.54
CA LEU A 40 3.42 5.91 -12.97
C LEU A 40 2.14 6.67 -13.33
N GLU A 41 1.01 6.28 -12.74
CA GLU A 41 -0.24 7.01 -12.94
C GLU A 41 -0.08 8.47 -12.55
N GLY A 42 0.53 8.69 -11.38
CA GLY A 42 0.71 10.03 -10.82
C GLY A 42 1.72 10.88 -11.56
N ALA A 43 2.83 10.27 -11.96
CA ALA A 43 3.86 10.99 -12.72
C ALA A 43 3.36 11.38 -14.13
N HIS A 44 2.65 10.46 -14.79
CA HIS A 44 2.10 10.74 -16.13
C HIS A 44 1.06 11.87 -16.09
N CYS A 45 0.20 11.82 -15.08
CA CYS A 45 -0.82 12.84 -14.88
C CYS A 45 -0.21 14.19 -14.48
N ALA A 46 0.82 14.16 -13.64
CA ALA A 46 1.53 15.38 -13.25
C ALA A 46 2.11 16.04 -14.48
N LYS A 47 2.53 15.26 -15.46
CA LYS A 47 3.16 15.80 -16.65
C LYS A 47 2.14 16.23 -17.71
N THR A 48 1.14 15.39 -17.95
CA THR A 48 0.22 15.59 -19.07
C THR A 48 -1.17 16.07 -18.65
N GLY A 49 -1.51 15.93 -17.38
CA GLY A 49 -2.86 16.24 -16.92
C GLY A 49 -3.85 15.11 -17.17
N LYS A 50 -3.38 13.99 -17.71
CA LYS A 50 -4.24 12.85 -17.99
C LYS A 50 -3.99 11.73 -16.98
N LEU A 51 -5.06 11.21 -16.40
CA LEU A 51 -4.96 10.07 -15.47
C LEU A 51 -5.41 8.80 -16.17
N VAL A 52 -4.47 7.86 -16.33
CA VAL A 52 -4.75 6.56 -16.92
C VAL A 52 -4.39 5.48 -15.93
N SER A 53 -5.35 4.61 -15.60
CA SER A 53 -5.10 3.51 -14.67
C SER A 53 -4.31 2.42 -15.40
N LEU A 54 -3.24 1.95 -14.77
CA LEU A 54 -2.27 1.09 -15.44
C LEU A 54 -2.29 -0.34 -14.88
N SER A 55 -1.63 -1.24 -15.60
CA SER A 55 -1.72 -2.69 -15.34
C SER A 55 -0.67 -3.21 -14.36
N GLU A 56 -1.12 -3.66 -13.19
CA GLU A 56 -0.24 -4.38 -12.26
C GLU A 56 0.04 -5.80 -12.77
N GLN A 57 -0.95 -6.40 -13.44
CA GLN A 57 -0.84 -7.80 -13.87
C GLN A 57 0.28 -7.96 -14.89
N GLU A 58 0.43 -6.96 -15.77
CA GLU A 58 1.50 -6.97 -16.76
C GLU A 58 2.85 -7.01 -16.04
N LEU A 59 3.00 -6.17 -15.02
CA LEU A 59 4.25 -6.14 -14.27
C LEU A 59 4.52 -7.53 -13.68
N MET A 60 3.49 -8.12 -13.08
CA MET A 60 3.64 -9.42 -12.44
C MET A 60 4.03 -10.49 -13.44
N ASP A 61 3.32 -10.54 -14.57
CA ASP A 61 3.49 -11.58 -15.56
C ASP A 61 4.79 -11.44 -16.35
N CYS A 62 5.21 -10.19 -16.58
CA CYS A 62 6.23 -9.92 -17.60
C CYS A 62 7.60 -9.42 -17.13
N SER A 63 7.75 -9.11 -15.84
CA SER A 63 9.00 -8.52 -15.32
C SER A 63 9.90 -9.49 -14.55
N ARG A 64 9.78 -10.79 -14.79
CA ARG A 64 10.58 -11.77 -14.04
C ARG A 64 12.06 -11.64 -14.40
N ALA A 65 12.36 -11.28 -15.66
CA ALA A 65 13.73 -11.04 -16.10
C ALA A 65 14.42 -9.99 -15.25
N GLU A 66 13.66 -8.97 -14.82
CA GLU A 66 14.21 -7.88 -14.01
C GLU A 66 14.29 -8.20 -12.51
N GLY A 67 13.79 -9.37 -12.11
CA GLY A 67 13.94 -9.84 -10.73
C GLY A 67 12.65 -10.04 -9.94
N ASN A 68 11.52 -9.62 -10.49
CA ASN A 68 10.26 -9.73 -9.79
C ASN A 68 9.68 -11.13 -9.90
N GLN A 69 8.86 -11.50 -8.92
CA GLN A 69 8.30 -12.84 -8.84
C GLN A 69 6.79 -12.84 -8.62
N SER A 70 6.09 -11.95 -9.31
CA SER A 70 4.63 -11.96 -9.33
C SER A 70 4.04 -11.95 -7.90
N CYS A 71 3.16 -12.90 -7.58
CA CYS A 71 2.52 -12.96 -6.25
C CYS A 71 3.48 -13.40 -5.14
N SER A 72 4.68 -13.86 -5.51
CA SER A 72 5.69 -14.20 -4.52
C SER A 72 6.57 -13.02 -4.13
N GLY A 73 6.32 -11.85 -4.72
CA GLY A 73 6.96 -10.62 -4.27
C GLY A 73 7.86 -10.02 -5.33
N GLY A 74 8.29 -8.78 -5.08
CA GLY A 74 9.08 -8.02 -6.05
C GLY A 74 9.45 -6.65 -5.50
N GLU A 75 9.97 -5.78 -6.36
CA GLU A 75 10.31 -4.44 -5.91
C GLU A 75 10.10 -3.40 -7.00
N MET A 76 9.88 -2.16 -6.57
CA MET A 76 9.44 -1.10 -7.46
C MET A 76 10.50 -0.75 -8.52
N ASN A 77 11.76 -0.72 -8.12
CA ASN A 77 12.79 -0.34 -9.07
C ASN A 77 12.99 -1.38 -10.18
N ASP A 78 12.90 -2.66 -9.83
CA ASP A 78 12.95 -3.72 -10.83
C ASP A 78 11.76 -3.56 -11.77
N ALA A 79 10.62 -3.10 -11.25
CA ALA A 79 9.42 -2.88 -12.07
C ALA A 79 9.59 -1.68 -12.99
N PHE A 80 10.15 -0.59 -12.46
CA PHE A 80 10.43 0.58 -13.31
C PHE A 80 11.39 0.15 -14.42
N GLN A 81 12.40 -0.64 -14.06
CA GLN A 81 13.37 -1.14 -15.05
C GLN A 81 12.66 -1.89 -16.17
N TYR A 82 11.70 -2.75 -15.81
CA TYR A 82 10.90 -3.45 -16.82
C TYR A 82 10.17 -2.47 -17.74
N VAL A 83 9.51 -1.46 -17.17
CA VAL A 83 8.78 -0.48 -17.96
C VAL A 83 9.72 0.23 -18.94
N LEU A 84 10.92 0.54 -18.47
CA LEU A 84 11.94 1.18 -19.29
C LEU A 84 12.36 0.18 -20.37
N ASP A 85 12.77 -1.01 -19.94
CA ASP A 85 13.18 -2.09 -20.85
C ASP A 85 12.18 -2.38 -21.94
N SER A 86 10.91 -2.52 -21.57
CA SER A 86 9.89 -3.02 -22.51
C SER A 86 9.25 -1.93 -23.35
N GLY A 87 9.61 -0.67 -23.12
CA GLY A 87 9.01 0.43 -23.86
C GLY A 87 7.67 0.93 -23.31
N GLY A 88 7.34 0.56 -22.08
CA GLY A 88 6.23 1.16 -21.38
C GLY A 88 5.30 0.15 -20.71
N ILE A 89 4.10 0.60 -20.37
CA ILE A 89 3.15 -0.24 -19.65
C ILE A 89 1.73 -0.07 -20.22
N CYS A 90 0.96 -1.15 -20.21
CA CYS A 90 -0.41 -1.15 -20.69
C CYS A 90 -1.38 -0.63 -19.63
N SER A 91 -2.60 -0.34 -20.07
CA SER A 91 -3.65 0.13 -19.19
C SER A 91 -4.23 -1.03 -18.39
N GLU A 92 -4.76 -0.70 -17.22
CA GLU A 92 -5.53 -1.61 -16.40
C GLU A 92 -6.67 -2.26 -17.17
N ASP A 93 -7.38 -1.46 -17.96
CA ASP A 93 -8.48 -1.99 -18.73
C ASP A 93 -8.01 -3.01 -19.75
N ALA A 94 -6.89 -2.72 -20.39
CA ALA A 94 -6.35 -3.61 -21.40
C ALA A 94 -5.84 -4.90 -20.79
N TYR A 95 -5.24 -4.83 -19.61
CA TYR A 95 -4.55 -5.98 -19.04
C TYR A 95 -4.91 -6.07 -17.55
N PRO A 96 -6.14 -6.55 -17.26
CA PRO A 96 -6.69 -6.40 -15.92
C PRO A 96 -6.10 -7.34 -14.88
N TYR A 97 -6.43 -7.05 -13.63
CA TYR A 97 -5.75 -7.65 -12.49
C TYR A 97 -6.47 -8.92 -12.05
N LEU A 98 -5.74 -10.02 -11.96
CA LEU A 98 -6.28 -11.32 -11.59
C LEU A 98 -5.79 -11.85 -10.24
N ALA A 99 -4.78 -11.23 -9.64
CA ALA A 99 -4.27 -11.64 -8.34
C ALA A 99 -3.75 -13.08 -8.32
N ARG A 100 -3.21 -13.52 -9.45
CA ARG A 100 -2.72 -14.89 -9.59
C ARG A 100 -1.54 -14.89 -10.56
N ASP A 101 -0.69 -15.91 -10.47
CA ASP A 101 0.47 -16.00 -11.37
C ASP A 101 0.02 -16.57 -12.71
N GLU A 102 0.53 -16.01 -13.79
CA GLU A 102 0.21 -16.50 -15.13
C GLU A 102 1.31 -16.07 -16.10
N GLU A 103 1.24 -16.57 -17.32
CA GLU A 103 2.22 -16.19 -18.34
C GLU A 103 1.93 -14.79 -18.85
N CYS A 104 2.98 -14.14 -19.33
CA CYS A 104 2.94 -12.79 -19.89
C CYS A 104 2.18 -12.74 -21.21
N ARG A 105 1.26 -11.78 -21.34
CA ARG A 105 0.57 -11.53 -22.61
C ARG A 105 0.78 -10.09 -23.12
N ALA A 106 1.88 -9.43 -22.76
CA ALA A 106 2.06 -7.97 -23.05
C ALA A 106 2.13 -7.63 -24.54
N GLN A 107 2.19 -8.65 -25.38
CA GLN A 107 1.99 -8.48 -26.82
C GLN A 107 0.51 -8.16 -27.11
N SER A 108 -0.36 -8.50 -26.15
CA SER A 108 -1.81 -8.35 -26.26
C SER A 108 -2.36 -6.92 -26.10
N CYS A 109 -1.52 -5.94 -25.79
CA CYS A 109 -2.01 -4.58 -25.55
C CYS A 109 -1.04 -3.44 -25.92
N GLU A 110 -1.60 -2.25 -26.08
CA GLU A 110 -0.86 -1.04 -26.37
C GLU A 110 -0.17 -0.49 -25.12
N LYS A 111 1.10 -0.12 -25.26
CA LYS A 111 1.83 0.60 -24.22
C LYS A 111 1.33 2.05 -24.23
N VAL A 112 0.69 2.46 -23.13
CA VAL A 112 0.08 3.78 -23.07
C VAL A 112 0.89 4.81 -22.26
N VAL A 113 1.73 4.32 -21.34
CA VAL A 113 2.59 5.19 -20.55
C VAL A 113 4.03 4.66 -20.63
N LYS A 114 4.97 5.59 -20.80
CA LYS A 114 6.38 5.29 -20.98
C LYS A 114 7.20 6.16 -20.02
N ILE A 115 8.39 5.70 -19.67
CA ILE A 115 9.31 6.48 -18.83
C ILE A 115 10.69 6.65 -19.47
N LEU A 116 11.39 7.70 -19.04
CA LEU A 116 12.77 7.94 -19.44
C LEU A 116 13.75 7.25 -18.49
N GLY A 117 13.33 7.08 -17.24
CA GLY A 117 14.13 6.39 -16.24
C GLY A 117 13.46 6.45 -14.88
N PHE A 118 14.24 6.23 -13.82
CA PHE A 118 13.70 6.32 -12.46
C PHE A 118 14.80 6.73 -11.47
N LYS A 119 14.39 7.43 -10.41
CA LYS A 119 15.33 8.00 -9.44
C LYS A 119 14.96 7.60 -8.02
N ASP A 120 15.97 7.34 -7.19
CA ASP A 120 15.78 7.16 -5.76
C ASP A 120 15.72 8.50 -5.08
N VAL A 121 14.90 8.61 -4.04
CA VAL A 121 14.86 9.82 -3.25
C VAL A 121 16.10 9.77 -2.36
N PRO A 122 16.83 10.91 -2.24
CA PRO A 122 17.95 10.89 -1.30
C PRO A 122 17.48 10.41 0.06
N ARG A 123 18.28 9.56 0.66
CA ARG A 123 17.90 8.82 1.85
C ARG A 123 17.89 9.66 3.09
N ARG A 124 17.07 9.22 4.04
CA ARG A 124 17.01 9.79 5.38
C ARG A 124 16.88 11.32 5.44
N SER A 125 15.94 11.84 4.66
CA SER A 125 15.67 13.26 4.65
C SER A 125 14.22 13.53 4.37
N GLU A 126 13.51 14.07 5.36
CA GLU A 126 12.13 14.50 5.15
C GLU A 126 12.03 15.60 4.12
N ALA A 127 13.01 16.50 4.11
CA ALA A 127 12.98 17.60 3.13
C ALA A 127 13.06 17.04 1.72
N ALA A 128 13.91 16.04 1.50
CA ALA A 128 14.05 15.42 0.18
C ALA A 128 12.78 14.73 -0.25
N MET A 129 12.08 14.10 0.70
CA MET A 129 10.81 13.45 0.37
C MET A 129 9.73 14.48 -0.01
N LYS A 130 9.67 15.59 0.74
CA LYS A 130 8.73 16.67 0.41
C LYS A 130 8.98 17.23 -0.98
N ALA A 131 10.27 17.47 -1.29
CA ALA A 131 10.66 17.98 -2.60
C ALA A 131 10.26 17.02 -3.72
N ALA A 132 10.44 15.71 -3.51
CA ALA A 132 10.02 14.71 -4.49
C ALA A 132 8.51 14.72 -4.63
N LEU A 133 7.80 14.79 -3.49
CA LEU A 133 6.34 14.79 -3.53
C LEU A 133 5.75 16.03 -4.18
N ALA A 134 6.46 17.15 -4.11
CA ALA A 134 6.09 18.36 -4.84
C ALA A 134 5.99 18.10 -6.34
N LYS A 135 6.79 17.16 -6.82
CA LYS A 135 6.84 16.84 -8.23
C LYS A 135 5.84 15.74 -8.63
N SER A 136 5.78 14.66 -7.85
CA SER A 136 4.80 13.62 -8.12
C SER A 136 4.70 12.64 -6.97
N PRO A 137 3.73 11.71 -7.04
CA PRO A 137 3.69 10.68 -6.00
C PRO A 137 4.97 9.85 -5.97
N VAL A 138 5.26 9.28 -4.82
CA VAL A 138 6.51 8.57 -4.62
C VAL A 138 6.26 7.16 -4.08
N SER A 139 6.95 6.21 -4.69
CA SER A 139 6.91 4.82 -4.26
C SER A 139 7.81 4.67 -3.03
N ILE A 140 7.28 4.04 -1.98
CA ILE A 140 8.05 3.79 -0.77
C ILE A 140 7.96 2.34 -0.33
N ALA A 141 8.99 1.84 0.36
CA ALA A 141 8.93 0.55 1.02
C ALA A 141 8.89 0.74 2.54
N ILE A 142 8.10 -0.09 3.21
CA ILE A 142 7.92 0.01 4.66
C ILE A 142 7.79 -1.36 5.27
N GLU A 143 7.96 -1.45 6.59
CA GLU A 143 7.44 -2.63 7.32
C GLU A 143 5.96 -2.40 7.61
N ALA A 144 5.10 -3.30 7.12
CA ALA A 144 3.65 -3.12 7.25
C ALA A 144 2.92 -4.34 7.85
N ASP A 145 3.65 -5.20 8.56
CA ASP A 145 3.08 -6.48 9.03
C ASP A 145 2.57 -6.46 10.47
N GLN A 146 2.86 -5.40 11.21
CA GLN A 146 2.46 -5.33 12.62
C GLN A 146 0.95 -5.19 12.77
N MET A 147 0.40 -5.65 13.89
CA MET A 147 -1.03 -5.66 14.13
C MET A 147 -1.70 -4.29 14.02
N PRO A 148 -1.06 -3.22 14.55
CA PRO A 148 -1.69 -1.92 14.37
C PRO A 148 -1.82 -1.52 12.92
N PHE A 149 -0.93 -2.03 12.08
CA PHE A 149 -0.94 -1.73 10.68
C PHE A 149 -2.04 -2.53 9.99
N GLN A 150 -2.11 -3.81 10.30
CA GLN A 150 -3.12 -4.72 9.78
C GLN A 150 -4.54 -4.16 9.97
N PHE A 151 -4.80 -3.57 11.13
CA PHE A 151 -6.15 -3.10 11.47
C PHE A 151 -6.31 -1.57 11.53
N TYR A 152 -5.33 -0.84 11.04
CA TYR A 152 -5.45 0.61 10.96
C TYR A 152 -6.79 1.05 10.35
N HIS A 153 -7.43 2.01 11.03
CA HIS A 153 -8.66 2.63 10.58
C HIS A 153 -8.45 4.10 10.14
N GLU A 154 -8.11 4.99 11.06
CA GLU A 154 -7.92 6.42 10.71
C GLU A 154 -7.10 7.14 11.78
N GLY A 155 -6.80 8.41 11.58
CA GLY A 155 -5.98 9.18 12.50
C GLY A 155 -4.54 9.14 12.06
N VAL A 156 -3.66 9.91 12.69
CA VAL A 156 -2.24 9.87 12.34
C VAL A 156 -1.62 8.63 12.97
N PHE A 157 -1.08 7.78 12.11
CA PHE A 157 -0.43 6.55 12.51
C PHE A 157 1.00 6.83 12.97
N ASP A 158 1.18 6.89 14.28
CA ASP A 158 2.45 7.21 14.92
C ASP A 158 2.91 6.04 15.81
N ALA A 159 2.38 4.87 15.53
CA ALA A 159 2.75 3.65 16.24
C ALA A 159 4.25 3.37 16.15
N SER A 160 4.75 2.70 17.18
CA SER A 160 6.11 2.25 17.21
C SER A 160 6.29 1.20 16.12
N CYS A 161 7.06 1.53 15.08
CA CYS A 161 7.06 0.76 13.86
C CYS A 161 8.44 0.16 13.61
N GLY A 162 8.48 -1.08 13.13
CA GLY A 162 9.73 -1.71 12.72
C GLY A 162 10.23 -1.18 11.38
N THR A 163 11.38 -1.65 10.94
CA THR A 163 11.97 -1.22 9.67
C THR A 163 12.41 -2.39 8.79
N ASP A 164 11.81 -3.56 9.02
CA ASP A 164 12.05 -4.71 8.14
C ASP A 164 11.16 -4.54 6.91
N LEU A 165 11.72 -3.96 5.84
CA LEU A 165 10.88 -3.51 4.72
C LEU A 165 10.23 -4.69 4.05
N ASP A 166 8.90 -4.72 4.01
CA ASP A 166 8.21 -5.88 3.44
C ASP A 166 6.97 -5.56 2.60
N HIS A 167 6.68 -4.28 2.42
CA HIS A 167 5.47 -3.85 1.71
C HIS A 167 5.80 -2.61 0.93
N GLY A 168 5.24 -2.49 -0.27
CA GLY A 168 5.47 -1.35 -1.15
C GLY A 168 4.17 -0.60 -1.36
N VAL A 169 4.17 0.69 -1.07
CA VAL A 169 3.00 1.52 -1.23
C VAL A 169 3.40 2.86 -1.89
N LEU A 170 2.53 3.86 -1.79
CA LEU A 170 2.71 5.10 -2.52
C LEU A 170 2.40 6.27 -1.59
N LEU A 171 3.26 7.29 -1.59
CA LEU A 171 2.89 8.53 -0.94
C LEU A 171 2.37 9.47 -1.98
N VAL A 172 1.24 10.10 -1.65
CA VAL A 172 0.57 11.03 -2.54
C VAL A 172 0.55 12.46 -2.00
N GLY A 173 1.23 12.68 -0.88
CA GLY A 173 1.32 14.02 -0.36
C GLY A 173 1.70 14.08 1.10
N TYR A 174 1.49 15.26 1.66
CA TYR A 174 1.74 15.50 3.05
C TYR A 174 0.89 16.68 3.52
N GLY A 175 0.88 16.86 4.83
CA GLY A 175 0.06 17.90 5.48
C GLY A 175 0.20 17.85 6.97
N THR A 176 -0.75 18.45 7.68
CA THR A 176 -0.70 18.52 9.12
C THR A 176 -2.09 18.30 9.71
N ASP A 177 -2.13 17.57 10.82
CA ASP A 177 -3.39 17.25 11.52
C ASP A 177 -3.53 18.08 12.80
N LYS A 178 -4.47 18.99 12.84
CA LYS A 178 -4.76 19.74 14.09
C LYS A 178 -5.34 18.88 15.24
N GLU A 179 -6.02 17.79 14.91
CA GLU A 179 -6.61 16.89 15.92
C GLU A 179 -5.54 16.30 16.85
N SER A 180 -4.51 15.70 16.27
CA SER A 180 -3.43 15.13 17.05
C SER A 180 -2.25 16.08 17.14
N LYS A 181 -2.34 17.22 16.47
CA LYS A 181 -1.24 18.18 16.35
C LYS A 181 0.05 17.59 15.73
N LYS A 182 -0.11 16.70 14.76
CA LYS A 182 1.01 15.98 14.14
C LYS A 182 1.06 16.15 12.62
N ASP A 183 2.26 16.37 12.09
CA ASP A 183 2.49 16.41 10.65
C ASP A 183 2.40 14.98 10.09
N PHE A 184 1.94 14.86 8.84
CA PHE A 184 1.81 13.54 8.21
C PHE A 184 2.20 13.45 6.73
N TRP A 185 2.47 12.22 6.31
CA TRP A 185 2.52 11.83 4.92
C TRP A 185 1.17 11.18 4.58
N ILE A 186 0.65 11.44 3.38
CA ILE A 186 -0.54 10.75 2.88
C ILE A 186 -0.10 9.50 2.09
N MET A 187 -0.40 8.32 2.64
CA MET A 187 -0.05 7.05 1.99
C MET A 187 -1.28 6.36 1.37
N LYS A 188 -1.12 5.88 0.14
CA LYS A 188 -2.12 5.07 -0.57
C LYS A 188 -1.73 3.61 -0.52
N ASN A 189 -2.61 2.78 0.03
CA ASN A 189 -2.35 1.35 0.11
C ASN A 189 -3.08 0.62 -1.04
N SER A 190 -2.90 -0.70 -1.12
CA SER A 190 -3.54 -1.54 -2.12
C SER A 190 -4.30 -2.70 -1.47
N TRP A 191 -4.99 -2.39 -0.37
CA TRP A 191 -5.76 -3.39 0.35
C TRP A 191 -7.24 -3.08 0.30
N GLY A 192 -7.66 -2.33 -0.72
CA GLY A 192 -9.04 -1.90 -0.86
C GLY A 192 -9.45 -0.76 0.08
N THR A 193 -10.67 -0.30 -0.10
CA THR A 193 -11.20 0.88 0.59
C THR A 193 -11.74 0.56 1.97
N GLY A 194 -11.86 -0.74 2.27
CA GLY A 194 -12.33 -1.20 3.58
C GLY A 194 -11.21 -1.20 4.61
N TRP A 195 -9.96 -1.02 4.17
CA TRP A 195 -8.84 -0.86 5.09
C TRP A 195 -8.57 0.63 5.28
N GLY A 196 -8.12 1.00 6.47
CA GLY A 196 -7.71 2.40 6.72
C GLY A 196 -8.78 3.44 6.38
N ARG A 197 -8.33 4.61 5.96
CA ARG A 197 -9.25 5.76 5.68
C ARG A 197 -9.60 5.72 4.21
N ASP A 198 -10.62 4.91 3.89
CA ASP A 198 -11.01 4.62 2.52
C ASP A 198 -9.81 4.16 1.68
N GLY A 199 -8.91 3.40 2.30
CA GLY A 199 -7.79 2.78 1.60
C GLY A 199 -6.48 3.50 1.85
N TYR A 200 -6.53 4.62 2.57
CA TYR A 200 -5.38 5.48 2.81
C TYR A 200 -4.94 5.40 4.26
N MET A 201 -3.70 5.80 4.48
CA MET A 201 -3.14 5.95 5.83
C MET A 201 -2.37 7.26 5.97
N TYR A 202 -2.67 7.99 7.04
CA TYR A 202 -1.96 9.21 7.40
C TYR A 202 -0.84 8.82 8.36
N MET A 203 0.38 8.85 7.86
CA MET A 203 1.55 8.33 8.59
C MET A 203 2.29 9.49 9.20
N ALA A 204 2.75 9.31 10.44
CA ALA A 204 3.44 10.38 11.17
C ALA A 204 4.70 10.80 10.43
N MET A 205 4.90 12.10 10.29
CA MET A 205 6.02 12.63 9.50
C MET A 205 7.36 12.63 10.20
N HIS A 206 7.37 12.89 11.49
CA HIS A 206 8.63 13.11 12.20
C HIS A 206 8.97 11.90 13.06
N LYS A 207 9.40 10.83 12.42
CA LYS A 207 9.75 9.60 13.14
C LYS A 207 11.18 9.22 12.79
N GLY A 208 12.04 10.24 12.75
CA GLY A 208 13.47 10.03 12.59
C GLY A 208 13.91 9.82 11.16
N GLU A 209 15.21 9.66 11.01
CA GLU A 209 15.82 9.59 9.68
C GLU A 209 15.39 8.41 8.80
N GLU A 210 14.89 7.32 9.39
CA GLU A 210 14.45 6.16 8.59
C GLU A 210 13.02 6.33 8.03
N GLY A 211 12.28 7.30 8.56
CA GLY A 211 10.87 7.49 8.26
C GLY A 211 9.98 6.52 9.04
N GLN A 212 8.71 6.88 9.19
CA GLN A 212 7.76 6.00 9.87
C GLN A 212 7.70 4.66 9.12
N CYS A 213 7.93 3.57 9.84
CA CYS A 213 7.98 2.21 9.28
C CYS A 213 9.06 2.01 8.20
N GLY A 214 10.10 2.85 8.23
CA GLY A 214 11.17 2.77 7.24
C GLY A 214 10.92 3.49 5.91
N LEU A 215 9.92 4.37 5.83
CA LEU A 215 9.53 4.94 4.54
C LEU A 215 10.57 5.82 3.82
N LEU A 216 11.57 6.32 4.55
CA LEU A 216 12.66 7.08 3.91
C LEU A 216 13.85 6.21 3.44
N LEU A 217 13.79 4.88 3.66
CA LEU A 217 14.93 4.01 3.37
C LEU A 217 15.05 3.57 1.92
N ASP A 218 13.93 3.49 1.20
CA ASP A 218 14.00 2.90 -0.13
C ASP A 218 12.92 3.47 -1.03
N ALA A 219 12.90 4.80 -1.14
CA ALA A 219 11.85 5.51 -1.88
C ALA A 219 12.35 5.88 -3.26
N SER A 220 11.47 5.83 -4.25
CA SER A 220 11.87 6.15 -5.63
C SER A 220 10.68 6.58 -6.47
N PHE A 221 10.98 7.06 -7.66
CA PHE A 221 9.93 7.54 -8.54
C PHE A 221 10.36 7.49 -10.00
N PRO A 222 9.36 7.38 -10.92
CA PRO A 222 9.62 7.36 -12.36
C PRO A 222 9.87 8.76 -12.92
N VAL A 223 10.76 8.85 -13.90
CA VAL A 223 11.07 10.11 -14.55
C VAL A 223 10.49 10.07 -15.97
N MET A 224 9.67 11.07 -16.33
CA MET A 224 9.02 11.12 -17.65
C MET A 224 9.32 12.43 -18.37
N TRP B 16 -16.76 -9.61 27.46
CA TRP B 16 -17.82 -10.21 26.60
C TRP B 16 -17.94 -11.72 26.83
N LYS B 17 -19.14 -12.24 26.64
CA LYS B 17 -19.36 -13.69 26.70
C LYS B 17 -19.07 -14.32 25.33
N GLU B 18 -18.97 -15.65 25.32
CA GLU B 18 -18.71 -16.42 24.10
C GLU B 18 -19.75 -16.12 23.02
N ALA B 19 -21.02 -16.05 23.41
CA ALA B 19 -22.10 -15.76 22.48
C ALA B 19 -21.91 -14.43 21.75
N HIS B 20 -21.32 -13.42 22.42
CA HIS B 20 -20.99 -12.17 21.75
C HIS B 20 -19.94 -12.41 20.65
N PHE B 21 -18.88 -13.13 20.99
CA PHE B 21 -17.85 -13.48 20.02
C PHE B 21 -18.44 -14.32 18.90
N GLN B 22 -19.33 -15.25 19.23
CA GLN B 22 -19.96 -16.08 18.20
C GLN B 22 -20.81 -15.24 17.25
N ASP B 23 -21.59 -14.31 17.77
CA ASP B 23 -22.36 -13.40 16.94
C ASP B 23 -21.45 -12.54 16.08
N ALA B 24 -20.39 -12.03 16.68
CA ALA B 24 -19.46 -11.17 15.96
C ALA B 24 -18.82 -11.93 14.79
N PHE B 25 -18.52 -13.21 14.99
CA PHE B 25 -17.85 -13.98 13.93
C PHE B 25 -18.84 -14.28 12.78
N SER B 26 -20.09 -14.54 13.10
CA SER B 26 -21.11 -14.76 12.06
C SER B 26 -21.32 -13.53 11.20
N SER B 27 -21.39 -12.36 11.84
CA SER B 27 -21.46 -11.10 11.11
C SER B 27 -20.22 -10.88 10.21
N PHE B 28 -19.04 -11.22 10.73
CA PHE B 28 -17.78 -11.16 9.98
C PHE B 28 -17.88 -12.08 8.76
N GLN B 29 -18.33 -13.31 8.96
CA GLN B 29 -18.46 -14.27 7.87
C GLN B 29 -19.43 -13.76 6.80
N ALA B 30 -20.55 -13.19 7.24
CA ALA B 30 -21.55 -12.67 6.32
C ALA B 30 -21.03 -11.46 5.57
N MET B 31 -20.44 -10.52 6.32
CA MET B 31 -19.98 -9.29 5.74
C MET B 31 -18.89 -9.55 4.69
N TYR B 32 -17.95 -10.45 4.97
CA TYR B 32 -16.86 -10.66 4.01
C TYR B 32 -16.98 -11.95 3.21
N ALA B 33 -18.11 -12.64 3.32
CA ALA B 33 -18.33 -13.88 2.59
C ALA B 33 -17.20 -14.86 2.87
N LYS B 34 -16.82 -14.96 4.13
CA LYS B 34 -15.80 -15.90 4.55
C LYS B 34 -16.45 -17.24 4.87
N SER B 35 -15.96 -18.28 4.21
CA SER B 35 -16.37 -19.66 4.47
C SER B 35 -15.13 -20.52 4.64
N TYR B 36 -15.31 -21.69 5.25
CA TYR B 36 -14.20 -22.54 5.57
C TYR B 36 -14.48 -23.98 5.22
N ALA B 37 -13.49 -24.58 4.52
CA ALA B 37 -13.57 -25.91 3.97
C ALA B 37 -13.50 -27.07 4.98
N THR B 38 -12.98 -26.81 6.18
CA THR B 38 -12.99 -27.81 7.25
C THR B 38 -13.42 -27.19 8.56
N GLU B 39 -13.97 -28.00 9.46
CA GLU B 39 -14.34 -27.52 10.79
C GLU B 39 -13.08 -27.12 11.57
N GLU B 40 -11.96 -27.80 11.30
CA GLU B 40 -10.65 -27.46 11.92
C GLU B 40 -10.17 -26.05 11.50
N GLU B 41 -10.29 -25.73 10.22
CA GLU B 41 -9.97 -24.37 9.74
C GLU B 41 -10.90 -23.32 10.39
N LYS B 42 -12.21 -23.60 10.44
CA LYS B 42 -13.16 -22.63 11.02
C LYS B 42 -12.85 -22.33 12.48
N GLN B 43 -12.60 -23.37 13.26
CA GLN B 43 -12.24 -23.19 14.67
C GLN B 43 -10.92 -22.41 14.82
N ARG B 44 -9.92 -22.67 13.97
CA ARG B 44 -8.68 -21.88 13.96
C ARG B 44 -8.95 -20.40 13.62
N ARG B 45 -9.76 -20.17 12.59
CA ARG B 45 -10.05 -18.83 12.14
C ARG B 45 -10.93 -18.07 13.15
N TYR B 46 -11.81 -18.78 13.84
CA TYR B 46 -12.60 -18.19 14.90
C TYR B 46 -11.70 -17.71 16.05
N ALA B 47 -10.73 -18.55 16.43
CA ALA B 47 -9.81 -18.22 17.50
C ALA B 47 -8.96 -17.00 17.14
N ILE B 48 -8.46 -16.95 15.90
CA ILE B 48 -7.67 -15.80 15.42
C ILE B 48 -8.52 -14.54 15.39
N PHE B 49 -9.73 -14.67 14.86
CA PHE B 49 -10.70 -13.57 14.84
C PHE B 49 -10.98 -13.00 16.23
N LYS B 50 -11.26 -13.87 17.19
CA LYS B 50 -11.49 -13.44 18.56
C LYS B 50 -10.29 -12.68 19.11
N ASN B 51 -9.10 -13.23 18.90
CA ASN B 51 -7.89 -12.57 19.37
C ASN B 51 -7.70 -11.19 18.76
N ASN B 52 -7.93 -11.08 17.46
CA ASN B 52 -7.84 -9.78 16.77
C ASN B 52 -8.92 -8.79 17.24
N LEU B 53 -10.14 -9.30 17.42
CA LEU B 53 -11.25 -8.48 17.89
C LEU B 53 -10.94 -7.90 19.27
N VAL B 54 -10.41 -8.73 20.17
CA VAL B 54 -10.07 -8.29 21.51
C VAL B 54 -8.96 -7.25 21.41
N TYR B 55 -7.97 -7.51 20.55
CA TYR B 55 -6.90 -6.56 20.34
C TYR B 55 -7.39 -5.19 19.91
N ILE B 56 -8.29 -5.17 18.92
CA ILE B 56 -8.81 -3.95 18.34
C ILE B 56 -9.57 -3.16 19.40
N HIS B 57 -10.50 -3.83 20.07
CA HIS B 57 -11.28 -3.24 21.12
C HIS B 57 -10.43 -2.64 22.23
N THR B 58 -9.46 -3.42 22.72
CA THR B 58 -8.54 -2.92 23.76
C THR B 58 -7.74 -1.71 23.31
N HIS B 59 -7.20 -1.81 22.09
CA HIS B 59 -6.41 -0.71 21.52
C HIS B 59 -7.21 0.59 21.49
N ASN B 60 -8.45 0.49 21.03
CA ASN B 60 -9.26 1.68 20.87
C ASN B 60 -9.66 2.31 22.20
N GLN B 61 -9.43 1.63 23.33
CA GLN B 61 -9.68 2.23 24.67
C GLN B 61 -8.46 2.98 25.22
N GLN B 62 -7.34 2.89 24.51
CA GLN B 62 -6.05 3.32 25.07
C GLN B 62 -5.66 4.77 24.70
N GLY B 63 -6.49 5.44 23.92
CA GLY B 63 -6.26 6.87 23.63
C GLY B 63 -5.13 7.21 22.65
N TYR B 64 -4.92 6.36 21.65
CA TYR B 64 -3.89 6.60 20.66
C TYR B 64 -4.31 7.71 19.71
N SER B 65 -3.37 8.18 18.90
CA SER B 65 -3.63 9.15 17.83
C SER B 65 -4.42 8.53 16.68
N TYR B 66 -4.47 7.20 16.61
CA TYR B 66 -5.16 6.54 15.50
C TYR B 66 -6.04 5.44 16.07
N SER B 67 -7.06 5.08 15.32
CA SER B 67 -7.93 3.99 15.70
C SER B 67 -7.68 2.74 14.84
N LEU B 68 -8.20 1.61 15.31
CA LEU B 68 -8.19 0.36 14.56
C LEU B 68 -9.62 -0.03 14.27
N LYS B 69 -9.80 -0.85 13.25
CA LYS B 69 -11.13 -1.39 12.95
C LYS B 69 -11.00 -2.74 12.31
N MET B 70 -11.92 -3.64 12.69
CA MET B 70 -12.01 -4.92 12.00
C MET B 70 -12.15 -4.75 10.48
N ASN B 71 -11.59 -5.67 9.72
CA ASN B 71 -11.62 -5.57 8.27
C ASN B 71 -11.43 -6.96 7.65
N HIS B 72 -11.21 -7.04 6.34
CA HIS B 72 -11.18 -8.38 5.69
C HIS B 72 -9.96 -9.23 6.05
N PHE B 73 -9.01 -8.66 6.79
CA PHE B 73 -7.87 -9.43 7.34
C PHE B 73 -8.15 -9.97 8.75
N GLY B 74 -9.39 -9.85 9.20
CA GLY B 74 -9.77 -10.18 10.59
C GLY B 74 -9.50 -11.59 11.08
N ASP B 75 -9.45 -12.55 10.16
CA ASP B 75 -9.21 -13.96 10.53
C ASP B 75 -7.80 -14.44 10.19
N LEU B 76 -6.86 -13.49 10.04
CA LEU B 76 -5.45 -13.81 9.76
C LEU B 76 -4.57 -13.41 10.94
N SER B 77 -3.58 -14.24 11.22
CA SER B 77 -2.52 -13.92 12.18
C SER B 77 -1.49 -13.06 11.49
N ARG B 78 -0.60 -12.47 12.27
CA ARG B 78 0.46 -11.65 11.70
C ARG B 78 1.29 -12.42 10.67
N ASP B 79 1.65 -13.66 11.00
CA ASP B 79 2.47 -14.47 10.09
C ASP B 79 1.77 -14.70 8.74
N GLU B 80 0.49 -15.03 8.79
CA GLU B 80 -0.28 -15.28 7.56
C GLU B 80 -0.43 -14.00 6.74
N PHE B 81 -0.72 -12.91 7.43
CA PHE B 81 -0.83 -11.59 6.82
C PHE B 81 0.46 -11.21 6.08
N ARG B 82 1.58 -11.36 6.77
CA ARG B 82 2.90 -11.01 6.22
C ARG B 82 3.26 -11.86 5.03
N ARG B 83 2.96 -13.15 5.12
CA ARG B 83 3.45 -14.10 4.13
C ARG B 83 2.76 -13.91 2.78
N LYS B 84 1.52 -13.45 2.76
CA LYS B 84 0.73 -13.50 1.52
C LYS B 84 0.10 -12.20 1.06
N TYR B 85 0.01 -11.20 1.93
CA TYR B 85 -0.80 -9.99 1.66
C TYR B 85 0.04 -8.72 1.51
N LEU B 86 1.36 -8.87 1.46
CA LEU B 86 2.27 -7.74 1.38
C LEU B 86 3.00 -7.85 0.04
N GLY B 87 4.31 -8.16 0.02
CA GLY B 87 4.99 -8.54 -1.23
C GLY B 87 6.25 -7.82 -1.67
N PHE B 88 6.80 -6.96 -0.82
CA PHE B 88 8.01 -6.26 -1.18
C PHE B 88 9.18 -7.11 -0.74
N LYS B 89 10.04 -7.41 -1.71
CA LYS B 89 11.19 -8.29 -1.56
C LYS B 89 12.38 -7.57 -2.20
N LYS B 90 13.35 -7.13 -1.40
CA LYS B 90 14.50 -6.39 -1.92
C LYS B 90 15.60 -7.35 -2.37
CL CL C . 2.26 -7.09 16.07
CL CL D . -18.06 -22.08 7.16
BR BR E . -18.11 -22.07 7.27
C1 EDO F . -9.31 -16.42 3.25
O1 EDO F . -10.21 -15.34 2.92
C2 EDO F . -9.17 -16.56 4.77
O2 EDO F . -10.47 -16.45 5.37
#